data_4J5B
#
_entry.id   4J5B
#
_cell.length_a   57.818
_cell.length_b   57.818
_cell.length_c   88.755
_cell.angle_alpha   90.000
_cell.angle_beta   90.000
_cell.angle_gamma   90.000
#
_symmetry.space_group_name_H-M   'P 41 21 2'
#
loop_
_entity.id
_entity.type
_entity.pdbx_description
1 polymer 'Peptidyl-prolyl cis-trans isomerase F, mitochondrial'
2 non-polymer 1-(4-aminobenzyl)-3-(2-{(2R)-2-[2-(methylsulfanyl)phenyl]pyrrolidin-1-yl}-2-oxoethyl)urea
3 water water
#
_entity_poly.entity_id   1
_entity_poly.type   'polypeptide(L)'
_entity_poly.pdbx_seq_one_letter_code
;GNPLVYLDVDANGKPLGRVVLELKADVVPKTAENFRALCTGEKGFGYKGSTFHRVIPSFMCQAGDFTNHNGTGGKSIYGS
RFPDENFTLKHVGPGVLSMANAGPNTNGSQFFICTIKTDWLDGKHVVFGHVIEGMDVVKKIESFGSKSGRTSKKIVITDC
GQLS
;
_entity_poly.pdbx_strand_id   A
#
loop_
_chem_comp.id
_chem_comp.type
_chem_comp.name
_chem_comp.formula
6B4 non-polymer 1-(4-aminobenzyl)-3-(2-{(2R)-2-[2-(methylsulfanyl)phenyl]pyrrolidin-1-yl}-2-oxoethyl)urea 'C21 H26 N4 O2 S'
#
# COMPACT_ATOMS: atom_id res chain seq x y z
N GLY A 1 -6.83 -16.84 -11.06
CA GLY A 1 -5.57 -16.10 -11.07
C GLY A 1 -5.40 -15.11 -9.96
N ASN A 2 -4.36 -14.30 -10.04
CA ASN A 2 -4.12 -13.31 -9.01
C ASN A 2 -5.16 -12.18 -9.04
N PRO A 3 -5.59 -11.70 -7.87
CA PRO A 3 -6.59 -10.60 -7.84
C PRO A 3 -5.99 -9.32 -8.40
N LEU A 4 -6.84 -8.55 -9.08
CA LEU A 4 -6.50 -7.19 -9.45
C LEU A 4 -7.38 -6.29 -8.61
N VAL A 5 -6.77 -5.28 -7.98
CA VAL A 5 -7.53 -4.35 -7.16
C VAL A 5 -7.16 -2.95 -7.57
N TYR A 6 -8.01 -1.98 -7.23
CA TYR A 6 -7.71 -0.60 -7.61
C TYR A 6 -7.83 0.33 -6.42
N LEU A 7 -7.09 1.44 -6.49
CA LEU A 7 -7.26 2.57 -5.58
C LEU A 7 -7.48 3.81 -6.43
N ASP A 8 -8.58 4.51 -6.21
CA ASP A 8 -8.80 5.81 -6.84
C ASP A 8 -8.33 6.88 -5.84
N VAL A 9 -7.44 7.76 -6.28
CA VAL A 9 -6.79 8.71 -5.38
C VAL A 9 -7.14 10.17 -5.68
N ASP A 10 -7.41 10.94 -4.63
CA ASP A 10 -7.62 12.38 -4.72
C ASP A 10 -6.48 13.14 -4.04
N ALA A 11 -6.21 14.35 -4.52
CA ALA A 11 -5.35 15.28 -3.79
C ALA A 11 -6.07 16.61 -3.64
N ASN A 12 -6.26 17.05 -2.40
CA ASN A 12 -7.05 18.25 -2.11
C ASN A 12 -8.40 18.24 -2.84
N GLY A 13 -9.03 17.06 -2.90
CA GLY A 13 -10.32 16.93 -3.55
C GLY A 13 -10.25 16.81 -5.07
N LYS A 14 -9.06 16.99 -5.64
CA LYS A 14 -8.91 16.87 -7.09
C LYS A 14 -8.45 15.46 -7.46
N PRO A 15 -9.22 14.76 -8.31
CA PRO A 15 -8.89 13.37 -8.66
C PRO A 15 -7.55 13.28 -9.37
N LEU A 16 -6.67 12.39 -8.91
CA LEU A 16 -5.39 12.14 -9.57
C LEU A 16 -5.51 10.99 -10.56
N GLY A 17 -6.40 10.06 -10.26
CA GLY A 17 -6.56 8.88 -11.09
C GLY A 17 -6.57 7.57 -10.32
N ARG A 18 -6.39 6.48 -11.05
CA ARG A 18 -6.54 5.15 -10.50
C ARG A 18 -5.21 4.40 -10.55
N VAL A 19 -4.91 3.71 -9.47
CA VAL A 19 -3.77 2.79 -9.45
C VAL A 19 -4.34 1.38 -9.45
N VAL A 20 -3.89 0.54 -10.38
CA VAL A 20 -4.30 -0.87 -10.41
C VAL A 20 -3.12 -1.74 -9.99
N LEU A 21 -3.38 -2.69 -9.11
CA LEU A 21 -2.34 -3.53 -8.54
C LEU A 21 -2.66 -5.01 -8.74
N GLU A 22 -1.64 -5.79 -9.08
CA GLU A 22 -1.73 -7.24 -9.02
C GLU A 22 -1.25 -7.71 -7.65
N LEU A 23 -2.06 -8.53 -6.98
CA LEU A 23 -1.64 -9.13 -5.70
C LEU A 23 -1.15 -10.55 -5.94
N LYS A 24 0.09 -10.82 -5.56
CA LYS A 24 0.70 -12.12 -5.86
C LYS A 24 0.22 -13.20 -4.89
N ALA A 25 -1.05 -13.55 -5.02
CA ALA A 25 -1.65 -14.59 -4.19
C ALA A 25 -1.01 -15.95 -4.43
N ASP A 26 -0.37 -16.12 -5.59
CA ASP A 26 0.32 -17.36 -5.90
C ASP A 26 1.56 -17.55 -5.02
N VAL A 27 2.13 -16.45 -4.53
CA VAL A 27 3.35 -16.52 -3.71
C VAL A 27 3.09 -16.22 -2.21
N VAL A 28 2.21 -15.25 -1.94
CA VAL A 28 1.89 -14.86 -0.57
C VAL A 28 0.39 -14.76 -0.38
N PRO A 29 -0.30 -15.91 -0.32
CA PRO A 29 -1.76 -15.87 -0.31
C PRO A 29 -2.37 -15.19 0.92
N LYS A 30 -1.75 -15.32 2.09
CA LYS A 30 -2.35 -14.74 3.28
C LYS A 30 -2.23 -13.23 3.24
N THR A 31 -1.09 -12.75 2.78
CA THR A 31 -0.82 -11.33 2.70
C THR A 31 -1.64 -10.69 1.59
N ALA A 32 -1.75 -11.37 0.46
CA ALA A 32 -2.57 -10.86 -0.63
C ALA A 32 -4.05 -10.81 -0.23
N GLU A 33 -4.51 -11.83 0.49
CA GLU A 33 -5.91 -11.89 0.89
C GLU A 33 -6.26 -10.75 1.84
N ASN A 34 -5.34 -10.41 2.73
CA ASN A 34 -5.56 -9.31 3.66
C ASN A 34 -5.78 -8.00 2.89
N PHE A 35 -4.88 -7.69 1.97
CA PHE A 35 -4.99 -6.47 1.17
C PHE A 35 -6.28 -6.48 0.34
N ARG A 36 -6.56 -7.57 -0.35
CA ARG A 36 -7.79 -7.70 -1.16
C ARG A 36 -9.06 -7.36 -0.37
N ALA A 37 -9.22 -7.97 0.81
CA ALA A 37 -10.41 -7.78 1.63
C ALA A 37 -10.51 -6.35 2.14
N LEU A 38 -9.37 -5.75 2.45
CA LEU A 38 -9.35 -4.37 2.92
C LEU A 38 -9.69 -3.41 1.77
N CYS A 39 -9.43 -3.85 0.53
CA CYS A 39 -9.81 -3.06 -0.63
C CYS A 39 -11.33 -3.11 -0.90
N THR A 40 -11.93 -4.28 -0.76
CA THR A 40 -13.36 -4.40 -0.97
C THR A 40 -14.15 -3.88 0.22
N GLY A 41 -13.51 -3.89 1.39
CA GLY A 41 -14.18 -3.49 2.62
C GLY A 41 -15.19 -4.52 3.09
N GLU A 42 -15.09 -5.73 2.57
CA GLU A 42 -16.07 -6.78 2.84
C GLU A 42 -16.13 -7.24 4.31
N LYS A 43 -15.10 -6.94 5.11
CA LYS A 43 -15.16 -7.26 6.55
C LYS A 43 -15.80 -6.17 7.41
N GLY A 44 -16.10 -5.02 6.82
CA GLY A 44 -16.71 -3.95 7.56
C GLY A 44 -15.75 -2.81 7.85
N PHE A 45 -14.51 -2.96 7.41
CA PHE A 45 -13.49 -1.92 7.52
C PHE A 45 -12.53 -2.06 6.36
N GLY A 46 -11.79 -1.00 6.06
CA GLY A 46 -10.86 -1.05 4.94
C GLY A 46 -10.28 0.29 4.57
N TYR A 47 -9.68 0.35 3.39
CA TYR A 47 -8.89 1.49 2.97
C TYR A 47 -9.70 2.69 2.52
N LYS A 48 -10.95 2.47 2.15
CA LYS A 48 -11.74 3.56 1.57
C LYS A 48 -11.80 4.76 2.50
N GLY A 49 -11.38 5.92 1.99
CA GLY A 49 -11.42 7.15 2.75
C GLY A 49 -10.23 7.38 3.65
N SER A 50 -9.24 6.50 3.61
CA SER A 50 -7.99 6.72 4.34
C SER A 50 -6.99 7.46 3.45
N THR A 51 -5.82 7.77 3.98
CA THR A 51 -4.91 8.68 3.28
C THR A 51 -3.51 8.07 3.07
N PHE A 52 -2.74 8.68 2.16
CA PHE A 52 -1.30 8.46 2.14
C PHE A 52 -0.69 9.43 3.14
N HIS A 53 -0.13 8.90 4.22
CA HIS A 53 0.27 9.74 5.35
C HIS A 53 1.76 10.06 5.37
N ARG A 54 2.56 9.25 4.68
CA ARG A 54 3.99 9.50 4.58
C ARG A 54 4.44 9.26 3.14
N VAL A 55 5.02 10.29 2.52
CA VAL A 55 5.47 10.20 1.14
C VAL A 55 6.87 10.79 1.01
N ILE A 56 7.83 9.97 0.59
CA ILE A 56 9.21 10.44 0.47
C ILE A 56 9.74 10.29 -0.95
N PRO A 57 10.02 11.42 -1.61
CA PRO A 57 10.41 11.37 -3.02
C PRO A 57 11.67 10.55 -3.24
N SER A 58 11.69 9.81 -4.35
CA SER A 58 12.77 8.90 -4.69
C SER A 58 12.94 7.82 -3.61
N PHE A 59 11.82 7.42 -3.01
CA PHE A 59 11.81 6.31 -2.04
C PHE A 59 10.48 5.55 -2.12
N MET A 60 9.43 6.07 -1.49
CA MET A 60 8.15 5.36 -1.48
C MET A 60 6.97 6.25 -1.07
N CYS A 61 5.77 5.74 -1.29
CA CYS A 61 4.54 6.37 -0.81
C CYS A 61 3.86 5.36 0.09
N GLN A 62 3.55 5.78 1.32
CA GLN A 62 3.03 4.88 2.32
C GLN A 62 1.61 5.25 2.74
N ALA A 63 0.77 4.24 2.97
CA ALA A 63 -0.63 4.47 3.34
C ALA A 63 -1.16 3.29 4.15
N GLY A 64 -2.46 3.33 4.45
CA GLY A 64 -3.12 2.16 5.03
C GLY A 64 -3.48 2.25 6.51
N ASP A 65 -3.18 3.38 7.14
CA ASP A 65 -3.58 3.57 8.53
C ASP A 65 -4.99 4.15 8.58
N PHE A 66 -6.00 3.29 8.53
CA PHE A 66 -7.39 3.75 8.50
C PHE A 66 -7.99 3.91 9.89
N THR A 67 -7.24 3.56 10.93
CA THR A 67 -7.71 3.74 12.31
C THR A 67 -7.23 5.07 12.90
N ASN A 68 -5.93 5.36 12.80
CA ASN A 68 -5.35 6.55 13.45
C ASN A 68 -4.89 7.64 12.49
N HIS A 69 -4.80 7.29 11.21
CA HIS A 69 -4.45 8.26 10.17
C HIS A 69 -3.11 8.97 10.34
N ASN A 70 -2.16 8.34 11.03
CA ASN A 70 -0.87 8.99 11.27
C ASN A 70 0.33 8.06 11.24
N GLY A 71 0.09 6.80 10.89
CA GLY A 71 1.18 5.84 10.82
C GLY A 71 1.32 4.96 12.05
N THR A 72 0.45 5.13 13.04
CA THR A 72 0.53 4.29 14.23
C THR A 72 -0.50 3.17 14.23
N GLY A 73 -1.44 3.21 13.32
CA GLY A 73 -2.60 2.34 13.43
C GLY A 73 -2.83 1.40 12.28
N GLY A 74 -4.09 1.00 12.13
CA GLY A 74 -4.47 0.01 11.14
C GLY A 74 -4.58 -1.35 11.81
N LYS A 75 -5.29 -2.26 11.16
CA LYS A 75 -5.37 -3.65 11.62
C LYS A 75 -5.55 -4.55 10.41
N SER A 76 -5.30 -5.85 10.58
CA SER A 76 -5.48 -6.78 9.49
C SER A 76 -6.84 -7.46 9.61
N ILE A 77 -7.20 -8.28 8.63
CA ILE A 77 -8.46 -9.01 8.72
C ILE A 77 -8.33 -10.17 9.71
N TYR A 78 -7.11 -10.46 10.14
CA TYR A 78 -6.85 -11.62 11.01
C TYR A 78 -6.80 -11.30 12.50
N GLY A 79 -6.56 -10.03 12.82
CA GLY A 79 -6.25 -9.58 14.18
C GLY A 79 -5.45 -8.30 14.05
N SER A 80 -4.89 -7.78 15.13
CA SER A 80 -4.15 -6.52 15.04
C SER A 80 -2.91 -6.65 14.17
N ARG A 81 -2.23 -7.79 14.27
CA ARG A 81 -0.99 -8.04 13.53
C ARG A 81 -0.95 -9.48 13.04
N PHE A 82 -0.18 -9.75 11.98
CA PHE A 82 0.05 -11.12 11.55
C PHE A 82 1.51 -11.30 11.11
N PRO A 83 2.01 -12.55 11.11
CA PRO A 83 3.43 -12.78 10.83
C PRO A 83 3.87 -12.46 9.41
N ASP A 84 5.18 -12.29 9.24
CA ASP A 84 5.78 -12.22 7.92
C ASP A 84 5.64 -13.57 7.23
N GLU A 85 4.96 -13.59 6.08
CA GLU A 85 4.59 -14.84 5.42
C GLU A 85 5.83 -15.51 4.82
N ASN A 86 6.52 -14.77 3.97
CA ASN A 86 7.83 -15.18 3.46
C ASN A 86 8.50 -13.97 2.85
N PHE A 87 9.76 -14.10 2.47
CA PHE A 87 10.47 -13.01 1.81
C PHE A 87 10.93 -13.41 0.40
N THR A 88 10.06 -14.11 -0.32
CA THR A 88 10.43 -14.65 -1.63
C THR A 88 10.50 -13.59 -2.74
N LEU A 89 9.53 -12.68 -2.78
CA LEU A 89 9.61 -11.56 -3.73
C LEU A 89 10.53 -10.46 -3.21
N LYS A 90 11.28 -9.82 -4.11
CA LYS A 90 12.24 -8.78 -3.73
C LYS A 90 11.75 -7.39 -4.15
N HIS A 91 12.36 -6.36 -3.58
CA HIS A 91 12.06 -4.99 -3.96
C HIS A 91 12.90 -4.67 -5.21
N VAL A 92 12.40 -5.04 -6.39
CA VAL A 92 13.22 -5.00 -7.61
C VAL A 92 13.25 -3.67 -8.37
N GLY A 93 12.31 -2.77 -8.05
CA GLY A 93 12.26 -1.50 -8.74
C GLY A 93 10.98 -0.74 -8.41
N PRO A 94 10.70 0.32 -9.16
CA PRO A 94 9.51 1.14 -8.95
C PRO A 94 8.25 0.33 -9.20
N GLY A 95 7.19 0.58 -8.43
CA GLY A 95 5.93 -0.11 -8.64
C GLY A 95 5.71 -1.30 -7.72
N VAL A 96 6.77 -1.73 -7.03
CA VAL A 96 6.65 -2.83 -6.06
C VAL A 96 5.77 -2.41 -4.89
N LEU A 97 4.88 -3.32 -4.48
CA LEU A 97 3.95 -3.12 -3.37
C LEU A 97 4.37 -3.98 -2.17
N SER A 98 4.52 -3.35 -1.01
CA SER A 98 5.17 -4.03 0.11
C SER A 98 4.49 -3.63 1.44
N MET A 99 4.55 -4.53 2.44
CA MET A 99 3.96 -4.25 3.75
C MET A 99 4.88 -3.37 4.60
N ALA A 100 4.33 -2.30 5.16
CA ALA A 100 5.02 -1.52 6.18
C ALA A 100 4.94 -2.31 7.48
N ASN A 101 5.87 -2.06 8.40
CA ASN A 101 5.84 -2.77 9.66
C ASN A 101 6.62 -2.04 10.76
N ALA A 102 6.56 -2.60 11.96
CA ALA A 102 7.29 -2.04 13.10
C ALA A 102 8.26 -3.08 13.63
N GLY A 103 8.89 -3.81 12.71
CA GLY A 103 9.77 -4.90 13.07
C GLY A 103 9.19 -6.22 12.60
N PRO A 104 9.92 -7.32 12.84
CA PRO A 104 9.52 -8.67 12.45
C PRO A 104 8.10 -8.98 12.93
N ASN A 105 7.29 -9.56 12.04
CA ASN A 105 6.00 -10.11 12.44
C ASN A 105 5.04 -9.08 13.05
N THR A 106 4.94 -7.93 12.43
CA THR A 106 3.99 -6.92 12.88
C THR A 106 3.20 -6.32 11.71
N ASN A 107 2.88 -7.14 10.72
CA ASN A 107 2.08 -6.68 9.59
C ASN A 107 0.67 -6.35 10.02
N GLY A 108 0.15 -5.22 9.56
CA GLY A 108 -1.21 -4.82 9.89
C GLY A 108 -1.97 -4.52 8.62
N SER A 109 -2.17 -3.24 8.34
CA SER A 109 -2.82 -2.84 7.10
C SER A 109 -1.98 -1.84 6.30
N GLN A 110 -0.95 -1.28 6.94
CA GLN A 110 -0.12 -0.27 6.29
C GLN A 110 0.77 -0.87 5.21
N PHE A 111 0.88 -0.16 4.08
CA PHE A 111 1.63 -0.65 2.94
C PHE A 111 2.35 0.50 2.27
N PHE A 112 3.29 0.18 1.39
CA PHE A 112 3.91 1.21 0.57
C PHE A 112 4.11 0.76 -0.88
N ILE A 113 4.18 1.75 -1.76
CA ILE A 113 4.54 1.54 -3.16
C ILE A 113 5.87 2.25 -3.40
N CYS A 114 6.87 1.46 -3.80
CA CYS A 114 8.22 1.98 -4.03
C CYS A 114 8.27 2.79 -5.32
N THR A 115 9.10 3.83 -5.34
CA THR A 115 9.34 4.58 -6.56
C THR A 115 10.77 4.41 -7.09
N ILE A 116 11.55 3.60 -6.39
CA ILE A 116 12.87 3.19 -6.85
C ILE A 116 13.09 1.77 -6.36
N LYS A 117 14.22 1.18 -6.74
CA LYS A 117 14.61 -0.13 -6.21
C LYS A 117 15.08 0.06 -4.77
N THR A 118 14.35 -0.51 -3.82
CA THR A 118 14.72 -0.37 -2.42
C THR A 118 15.23 -1.72 -1.92
N ASP A 119 16.35 -2.16 -2.46
CA ASP A 119 16.81 -3.52 -2.23
C ASP A 119 17.27 -3.76 -0.80
N TRP A 120 17.48 -2.66 -0.06
CA TRP A 120 17.88 -2.78 1.34
C TRP A 120 16.73 -3.18 2.26
N LEU A 121 15.53 -3.26 1.70
CA LEU A 121 14.37 -3.71 2.48
C LEU A 121 14.07 -5.20 2.25
N ASP A 122 14.83 -5.83 1.36
CA ASP A 122 14.68 -7.26 1.10
C ASP A 122 14.93 -8.01 2.40
N GLY A 123 14.03 -8.90 2.77
CA GLY A 123 14.19 -9.68 3.97
C GLY A 123 13.66 -9.00 5.22
N LYS A 124 13.11 -7.80 5.06
CA LYS A 124 12.57 -7.08 6.21
C LYS A 124 11.11 -6.70 6.02
N HIS A 125 10.73 -6.50 4.76
CA HIS A 125 9.34 -6.16 4.44
C HIS A 125 8.82 -7.17 3.44
N VAL A 126 7.58 -7.61 3.63
CA VAL A 126 7.00 -8.60 2.74
C VAL A 126 6.44 -7.95 1.48
N VAL A 127 7.04 -8.27 0.34
CA VAL A 127 6.56 -7.80 -0.96
C VAL A 127 5.40 -8.69 -1.40
N PHE A 128 4.30 -8.11 -1.87
CA PHE A 128 3.14 -8.92 -2.21
C PHE A 128 2.40 -8.54 -3.49
N GLY A 129 2.98 -7.63 -4.26
CA GLY A 129 2.32 -7.20 -5.48
C GLY A 129 3.08 -6.14 -6.24
N HIS A 130 2.46 -5.64 -7.31
CA HIS A 130 3.05 -4.56 -8.07
C HIS A 130 2.01 -3.79 -8.87
N VAL A 131 2.38 -2.57 -9.27
CA VAL A 131 1.52 -1.71 -10.06
C VAL A 131 1.39 -2.20 -11.50
N ILE A 132 0.14 -2.43 -11.92
CA ILE A 132 -0.18 -2.87 -13.27
C ILE A 132 -0.34 -1.65 -14.17
N GLU A 133 -1.00 -0.64 -13.63
CA GLU A 133 -1.32 0.56 -14.37
C GLU A 133 -1.45 1.71 -13.38
N GLY A 134 -0.98 2.90 -13.77
CA GLY A 134 -1.13 4.07 -12.93
C GLY A 134 0.14 4.54 -12.25
N MET A 135 1.30 4.16 -12.80
CA MET A 135 2.55 4.68 -12.26
C MET A 135 2.59 6.20 -12.39
N ASP A 136 1.89 6.76 -13.38
CA ASP A 136 1.82 8.23 -13.48
C ASP A 136 1.10 8.82 -12.28
N VAL A 137 0.07 8.12 -11.81
CA VAL A 137 -0.65 8.56 -10.62
C VAL A 137 0.28 8.46 -9.40
N VAL A 138 1.04 7.38 -9.32
CA VAL A 138 2.01 7.20 -8.25
C VAL A 138 3.07 8.31 -8.26
N LYS A 139 3.55 8.68 -9.45
CA LYS A 139 4.57 9.72 -9.57
C LYS A 139 4.00 11.09 -9.17
N LYS A 140 2.69 11.27 -9.33
CA LYS A 140 2.06 12.50 -8.86
C LYS A 140 2.02 12.55 -7.34
N ILE A 141 1.59 11.46 -6.73
CA ILE A 141 1.60 11.37 -5.27
C ILE A 141 3.00 11.66 -4.73
N GLU A 142 3.99 11.01 -5.32
CA GLU A 142 5.39 11.20 -4.96
C GLU A 142 5.80 12.67 -4.96
N SER A 143 5.31 13.41 -5.94
CA SER A 143 5.69 14.81 -6.09
C SER A 143 5.16 15.70 -4.96
N PHE A 144 4.21 15.19 -4.21
CA PHE A 144 3.63 15.97 -3.11
C PHE A 144 4.26 15.62 -1.78
N GLY A 145 5.34 14.87 -1.83
CA GLY A 145 6.04 14.46 -0.62
C GLY A 145 7.22 15.37 -0.31
N SER A 146 7.94 15.04 0.75
CA SER A 146 9.06 15.83 1.19
C SER A 146 10.04 14.89 1.89
N LYS A 147 11.20 15.42 2.28
CA LYS A 147 12.23 14.59 2.92
C LYS A 147 11.74 14.00 4.24
N SER A 148 10.85 14.71 4.92
CA SER A 148 10.36 14.27 6.23
C SER A 148 9.18 13.30 6.13
N GLY A 149 8.59 13.23 4.94
CA GLY A 149 7.43 12.38 4.71
C GLY A 149 6.12 13.13 4.68
N ARG A 150 6.12 14.33 5.26
CA ARG A 150 4.91 15.15 5.29
C ARG A 150 4.46 15.51 3.88
N THR A 151 3.18 15.37 3.60
CA THR A 151 2.65 15.71 2.29
C THR A 151 2.21 17.15 2.23
N SER A 152 2.32 17.75 1.05
CA SER A 152 1.96 19.15 0.87
C SER A 152 0.52 19.28 0.38
N LYS A 153 -0.15 18.13 0.23
CA LYS A 153 -1.57 18.09 -0.11
C LYS A 153 -2.17 16.90 0.64
N LYS A 154 -3.48 16.91 0.89
CA LYS A 154 -4.12 15.75 1.51
C LYS A 154 -4.48 14.71 0.46
N ILE A 155 -3.82 13.55 0.53
CA ILE A 155 -3.95 12.53 -0.50
C ILE A 155 -4.83 11.38 -0.03
N VAL A 156 -6.04 11.33 -0.57
CA VAL A 156 -7.07 10.43 -0.08
C VAL A 156 -7.39 9.29 -1.05
N ILE A 157 -7.48 8.06 -0.53
CA ILE A 157 -8.02 6.97 -1.32
C ILE A 157 -9.54 7.10 -1.28
N THR A 158 -10.13 7.66 -2.34
CA THR A 158 -11.56 7.96 -2.31
C THR A 158 -12.41 6.73 -2.62
N ASP A 159 -11.84 5.79 -3.37
CA ASP A 159 -12.55 4.54 -3.61
C ASP A 159 -11.52 3.47 -3.86
N CYS A 160 -11.94 2.22 -3.67
CA CYS A 160 -11.09 1.06 -3.92
C CYS A 160 -11.94 -0.19 -4.00
N GLY A 161 -11.41 -1.22 -4.63
CA GLY A 161 -12.14 -2.47 -4.77
C GLY A 161 -11.37 -3.46 -5.60
N GLN A 162 -12.06 -4.52 -6.01
CA GLN A 162 -11.46 -5.59 -6.78
C GLN A 162 -11.99 -5.57 -8.20
N LEU A 163 -11.10 -5.69 -9.18
CA LEU A 163 -11.47 -5.73 -10.58
C LEU A 163 -11.69 -7.16 -11.07
N SER A 164 -10.88 -8.08 -10.56
CA SER A 164 -11.01 -9.50 -10.93
C SER A 164 -10.29 -10.39 -9.92
CAA 6B4 B . 11.47 6.86 7.08
SAT 6B4 B . 10.28 5.70 6.47
CAY 6B4 B . 11.23 4.18 6.49
CAG 6B4 B . 12.58 4.23 6.83
CAE 6B4 B . 13.34 3.08 6.86
CAF 6B4 B . 12.74 1.88 6.54
CAH 6B4 B . 11.38 1.83 6.22
CAZ 6B4 B . 10.61 2.99 6.14
CBA 6B4 B . 9.22 3.16 5.84
CAP 6B4 B . 8.87 3.06 4.28
CAM 6B4 B . 9.31 1.69 4.02
CAQ 6B4 B . 8.27 1.24 5.06
N1 6B4 B . 8.58 1.90 6.29
C 6B4 B . 8.23 1.41 7.49
O 6B4 B . 7.61 0.36 7.62
CA 6B4 B . 8.52 2.29 8.70
N 6B4 B . 7.69 1.83 9.81
CAU 6B4 B . 6.49 2.35 10.10
OAC 6B4 B . 6.02 3.29 9.46
N2 6B4 B . 5.87 1.83 11.15
CAO 6B4 B . 4.55 2.27 11.61
CAX 6B4 B . 3.75 1.14 11.64
CAK 6B4 B . 3.72 0.31 10.52
CAI 6B4 B . 2.94 -0.84 10.53
CAW 6B4 B . 2.20 -1.17 11.66
N3 6B4 B . 1.47 -2.28 11.64
CAJ 6B4 B . 2.23 -0.35 12.78
CAL 6B4 B . 3.01 0.81 12.77
#